data_5WUN
#
_entry.id   5WUN
#
_cell.length_a   78.510
_cell.length_b   90.180
_cell.length_c   98.890
_cell.angle_alpha   90.000
_cell.angle_beta   90.000
_cell.angle_gamma   90.000
#
_symmetry.space_group_name_H-M   'P 21 21 21'
#
loop_
_entity.id
_entity.type
_entity.pdbx_description
1 polymer 'Importin subunit alpha-1'
2 polymer 'Epstein-Barr nuclear antigen 1'
3 water water
#
loop_
_entity_poly.entity_id
_entity_poly.type
_entity_poly.pdbx_seq_one_letter_code
_entity_poly.pdbx_strand_id
1 'polypeptide(L)'
;NQGTVNWSVEDIVKGINSNNLESQLQATQAARKLLSREKQPPIDNIIRAGLIPKFVSFLGKTDCSPIQFESAWALTNIAS
GTSEQTKAVVDGGAIPAFISLLASPHAHISEQAVWALGNIAGDGSAFRDLVIKHGAIDPLLALLAVPDLSTLACGYLRNL
TWTLSNLCRNKNPAPPLDAVEQILPTLVRLLHHNDPEVLADSCWAISYLTDGPNERIEMVVKKGVVPQLVKLLGATELPI
VTPALRAIGNIVTGTDEQTQKVIDAGALAVFPSLLTNPKTNIQKEATWTMSNITAGRQDQIQQVVNHGLVPFLVGVLSKA
DFKTQKEAAWAITNYTSGGTVEQIVYLVHCGIIEPLMNLLSAKDTKIIQVILDAISNIFQAAEKLGETEKLSIMIEECGG
LDKIEALQRHENESVYKASLNLIEKYFSVEEEEDQNVVPETTSEGFAFQVQDGAPGTFNF
;
A
2 'polypeptide(L)' EKRPRSPSS B,C
#
# COMPACT_ATOMS: atom_id res chain seq x y z
N GLY A 3 -17.55 -14.19 37.09
CA GLY A 3 -18.72 -13.39 37.33
C GLY A 3 -18.76 -12.06 36.59
N THR A 4 -17.79 -11.84 35.69
CA THR A 4 -17.77 -10.64 34.86
C THR A 4 -18.22 -10.93 33.43
N VAL A 5 -18.93 -12.04 33.21
CA VAL A 5 -19.40 -12.44 31.88
C VAL A 5 -20.84 -12.00 31.69
N ASN A 6 -21.10 -11.26 30.61
CA ASN A 6 -22.44 -10.91 30.17
C ASN A 6 -23.14 -9.95 31.15
N TRP A 7 -22.43 -8.89 31.52
CA TRP A 7 -23.08 -7.84 32.28
C TRP A 7 -23.90 -6.95 31.35
N SER A 8 -24.90 -6.30 31.92
CA SER A 8 -25.57 -5.21 31.23
C SER A 8 -24.73 -3.94 31.35
N VAL A 9 -24.95 -3.02 30.41
CA VAL A 9 -24.29 -1.73 30.50
C VAL A 9 -24.67 -1.03 31.80
N GLU A 10 -25.94 -1.19 32.23
CA GLU A 10 -26.39 -0.58 33.47
C GLU A 10 -25.59 -1.08 34.67
N ASP A 11 -25.34 -2.39 34.71
CA ASP A 11 -24.55 -2.95 35.80
C ASP A 11 -23.11 -2.43 35.77
N ILE A 12 -22.53 -2.33 34.57
CA ILE A 12 -21.18 -1.80 34.45
C ILE A 12 -21.12 -0.37 34.98
N VAL A 13 -22.11 0.45 34.62
CA VAL A 13 -22.13 1.83 35.12
C VAL A 13 -22.24 1.84 36.64
N LYS A 14 -23.06 0.95 37.20
CA LYS A 14 -23.23 0.90 38.64
C LYS A 14 -21.92 0.57 39.34
N GLY A 15 -21.19 -0.42 38.84
CA GLY A 15 -19.91 -0.77 39.45
C GLY A 15 -18.89 0.34 39.31
N ILE A 16 -18.83 0.99 38.16
CA ILE A 16 -17.82 2.02 37.92
C ILE A 16 -18.10 3.26 38.76
N ASN A 17 -19.37 3.55 39.04
CA ASN A 17 -19.74 4.69 39.87
C ASN A 17 -19.69 4.39 41.36
N SER A 18 -19.31 3.17 41.75
CA SER A 18 -19.38 2.76 43.15
C SER A 18 -18.30 3.40 44.02
N ASN A 19 -17.21 3.88 43.43
CA ASN A 19 -16.04 4.38 44.17
C ASN A 19 -15.44 3.30 45.07
N ASN A 20 -15.68 2.04 44.75
CA ASN A 20 -14.99 0.90 45.32
C ASN A 20 -14.05 0.40 44.23
N LEU A 21 -12.74 0.60 44.44
CA LEU A 21 -11.77 0.32 43.38
C LEU A 21 -11.91 -1.09 42.85
N GLU A 22 -12.21 -2.05 43.72
CA GLU A 22 -12.33 -3.43 43.26
C GLU A 22 -13.65 -3.66 42.53
N SER A 23 -14.73 -3.02 42.98
CA SER A 23 -15.96 -3.05 42.19
C SER A 23 -15.76 -2.37 40.85
N GLN A 24 -15.01 -1.28 40.82
CA GLN A 24 -14.69 -0.63 39.55
C GLN A 24 -13.88 -1.55 38.66
N LEU A 25 -12.92 -2.28 39.24
CA LEU A 25 -12.08 -3.17 38.45
C LEU A 25 -12.91 -4.30 37.82
N GLN A 26 -13.83 -4.87 38.59
CA GLN A 26 -14.66 -5.94 38.05
C GLN A 26 -15.62 -5.43 36.98
N ALA A 27 -16.19 -4.23 37.17
CA ALA A 27 -17.07 -3.69 36.15
C ALA A 27 -16.30 -3.36 34.87
N THR A 28 -15.08 -2.83 35.02
CA THR A 28 -14.26 -2.52 33.85
C THR A 28 -13.89 -3.79 33.10
N GLN A 29 -13.53 -4.85 33.82
CA GLN A 29 -13.29 -6.14 33.17
C GLN A 29 -14.54 -6.64 32.46
N ALA A 30 -15.70 -6.46 33.09
CA ALA A 30 -16.96 -6.84 32.44
C ALA A 30 -17.17 -6.03 31.16
N ALA A 31 -16.84 -4.74 31.18
CA ALA A 31 -16.89 -3.93 29.97
C ALA A 31 -15.94 -4.46 28.92
N ARG A 32 -14.72 -4.83 29.32
CA ARG A 32 -13.76 -5.35 28.36
C ARG A 32 -14.28 -6.62 27.69
N LYS A 33 -14.88 -7.52 28.47
CA LYS A 33 -15.41 -8.75 27.88
C LYS A 33 -16.58 -8.46 26.96
N LEU A 34 -17.42 -7.48 27.31
CA LEU A 34 -18.48 -7.04 26.40
C LEU A 34 -17.90 -6.55 25.08
N LEU A 35 -16.89 -5.67 25.16
CA LEU A 35 -16.30 -5.09 23.96
C LEU A 35 -15.41 -6.07 23.20
N SER A 36 -15.19 -7.27 23.74
CA SER A 36 -14.35 -8.27 23.09
C SER A 36 -15.15 -9.29 22.29
N ARG A 37 -16.47 -9.20 22.26
CA ARG A 37 -17.28 -10.22 21.62
C ARG A 37 -17.41 -9.93 20.12
N GLU A 38 -17.47 -11.00 19.32
CA GLU A 38 -17.48 -10.85 17.88
C GLU A 38 -18.75 -10.14 17.41
N LYS A 39 -19.91 -10.66 17.79
CA LYS A 39 -21.15 -10.11 17.26
C LYS A 39 -21.52 -8.81 17.98
N GLN A 40 -21.55 -7.71 17.21
CA GLN A 40 -21.90 -6.33 17.56
C GLN A 40 -21.66 -5.96 19.03
N PRO A 41 -20.41 -5.70 19.41
CA PRO A 41 -20.13 -5.19 20.76
C PRO A 41 -20.82 -3.84 20.97
N PRO A 42 -21.47 -3.65 22.11
CA PRO A 42 -22.23 -2.41 22.32
C PRO A 42 -21.33 -1.21 22.55
N ILE A 43 -20.56 -0.85 21.54
CA ILE A 43 -19.62 0.27 21.68
C ILE A 43 -20.36 1.57 21.95
N ASP A 44 -21.42 1.83 21.18
CA ASP A 44 -22.09 3.12 21.28
C ASP A 44 -22.81 3.27 22.62
N ASN A 45 -23.38 2.18 23.13
CA ASN A 45 -24.03 2.24 24.44
C ASN A 45 -23.02 2.50 25.55
N ILE A 46 -21.85 1.88 25.46
CA ILE A 46 -20.77 2.18 26.40
C ILE A 46 -20.40 3.66 26.31
N ILE A 47 -20.29 4.18 25.09
CA ILE A 47 -19.94 5.60 24.92
C ILE A 47 -21.01 6.49 25.55
N ARG A 48 -22.27 6.23 25.21
CA ARG A 48 -23.35 7.10 25.68
C ARG A 48 -23.53 7.00 27.19
N ALA A 49 -23.17 5.86 27.79
CA ALA A 49 -23.19 5.76 29.25
C ALA A 49 -22.16 6.68 29.91
N GLY A 50 -21.29 7.33 29.14
CA GLY A 50 -20.31 8.22 29.72
C GLY A 50 -19.11 7.53 30.33
N LEU A 51 -18.80 6.30 29.89
CA LEU A 51 -17.77 5.51 30.54
C LEU A 51 -16.34 5.83 30.09
N ILE A 52 -16.17 6.47 28.94
CA ILE A 52 -14.81 6.69 28.41
C ILE A 52 -13.96 7.54 29.34
N PRO A 53 -14.43 8.68 29.88
CA PRO A 53 -13.59 9.42 30.83
C PRO A 53 -13.19 8.62 32.05
N LYS A 54 -14.05 7.71 32.51
CA LYS A 54 -13.72 6.89 33.67
C LYS A 54 -12.63 5.88 33.31
N PHE A 55 -12.78 5.20 32.17
CA PHE A 55 -11.72 4.32 31.67
C PHE A 55 -10.40 5.07 31.56
N VAL A 56 -10.44 6.28 30.97
CA VAL A 56 -9.21 7.05 30.80
C VAL A 56 -8.58 7.36 32.15
N SER A 57 -9.42 7.74 33.12
CA SER A 57 -8.92 8.00 34.47
C SER A 57 -8.29 6.75 35.08
N PHE A 58 -8.86 5.57 34.81
CA PHE A 58 -8.29 4.34 35.32
C PHE A 58 -6.91 4.05 34.74
N LEU A 59 -6.59 4.60 33.56
CA LEU A 59 -5.28 4.37 32.97
C LEU A 59 -4.16 4.91 33.86
N GLY A 60 -4.45 5.94 34.66
CA GLY A 60 -3.48 6.57 35.52
C GLY A 60 -3.33 5.95 36.89
N LYS A 61 -4.07 4.88 37.21
CA LYS A 61 -4.02 4.25 38.52
C LYS A 61 -2.84 3.27 38.53
N THR A 62 -1.64 3.83 38.68
CA THR A 62 -0.43 3.02 38.68
C THR A 62 -0.43 2.01 39.84
N ASP A 63 -1.14 2.32 40.92
CA ASP A 63 -1.24 1.43 42.07
C ASP A 63 -2.05 0.17 41.80
N CYS A 64 -2.94 0.18 40.81
CA CYS A 64 -3.80 -0.96 40.45
C CYS A 64 -3.58 -1.29 38.98
N SER A 65 -2.48 -1.97 38.69
CA SER A 65 -2.18 -2.35 37.31
C SER A 65 -3.29 -3.16 36.63
N PRO A 66 -4.03 -4.06 37.30
CA PRO A 66 -5.11 -4.75 36.58
C PRO A 66 -6.17 -3.83 36.00
N ILE A 67 -6.54 -2.75 36.70
CA ILE A 67 -7.56 -1.88 36.13
C ILE A 67 -6.97 -1.01 35.02
N GLN A 68 -5.66 -0.74 35.07
CA GLN A 68 -4.99 -0.12 33.93
C GLN A 68 -5.12 -0.99 32.69
N PHE A 69 -4.86 -2.29 32.84
CA PHE A 69 -4.91 -3.20 31.71
C PHE A 69 -6.34 -3.33 31.16
N GLU A 70 -7.31 -3.55 32.05
CA GLU A 70 -8.69 -3.77 31.60
C GLU A 70 -9.25 -2.52 30.92
N SER A 71 -8.99 -1.34 31.48
CA SER A 71 -9.47 -0.12 30.84
C SER A 71 -8.74 0.15 29.53
N ALA A 72 -7.44 -0.14 29.49
CA ALA A 72 -6.68 0.00 28.25
C ALA A 72 -7.25 -0.90 27.16
N TRP A 73 -7.56 -2.13 27.51
CA TRP A 73 -8.14 -3.07 26.55
C TRP A 73 -9.52 -2.61 26.09
N ALA A 74 -10.38 -2.23 27.04
CA ALA A 74 -11.69 -1.69 26.68
C ALA A 74 -11.57 -0.49 25.75
N LEU A 75 -10.66 0.44 26.07
CA LEU A 75 -10.52 1.61 25.22
C LEU A 75 -9.94 1.25 23.87
N THR A 76 -9.05 0.27 23.82
CA THR A 76 -8.50 -0.18 22.55
C THR A 76 -9.60 -0.65 21.61
N ASN A 77 -10.58 -1.39 22.14
CA ASN A 77 -11.61 -1.94 21.27
C ASN A 77 -12.61 -0.87 20.84
N ILE A 78 -12.88 0.11 21.70
CA ILE A 78 -13.67 1.26 21.27
C ILE A 78 -12.93 2.01 20.15
N ALA A 79 -11.64 2.26 20.35
CA ALA A 79 -10.86 3.04 19.38
C ALA A 79 -10.72 2.31 18.05
N SER A 80 -10.90 0.99 18.04
CA SER A 80 -10.83 0.21 16.81
C SER A 80 -12.08 0.31 15.95
N GLY A 81 -13.09 1.08 16.38
CA GLY A 81 -14.33 1.16 15.63
C GLY A 81 -14.34 2.26 14.58
N THR A 82 -15.47 2.95 14.46
CA THR A 82 -15.61 4.03 13.49
C THR A 82 -14.80 5.25 13.92
N SER A 83 -14.67 6.20 12.99
CA SER A 83 -14.00 7.46 13.29
C SER A 83 -14.66 8.17 14.46
N GLU A 84 -15.99 8.13 14.52
CA GLU A 84 -16.69 8.76 15.64
C GLU A 84 -16.38 8.03 16.94
N GLN A 85 -16.21 6.72 16.89
CA GLN A 85 -15.88 5.95 18.09
C GLN A 85 -14.44 6.20 18.50
N THR A 86 -13.50 6.18 17.55
CA THR A 86 -12.14 6.61 17.86
C THR A 86 -12.11 8.02 18.43
N LYS A 87 -12.88 8.94 17.84
CA LYS A 87 -12.92 10.32 18.31
C LYS A 87 -13.40 10.40 19.75
N ALA A 88 -14.37 9.58 20.13
CA ALA A 88 -14.82 9.57 21.53
C ALA A 88 -13.67 9.21 22.46
N VAL A 89 -12.83 8.26 22.06
CA VAL A 89 -11.67 7.90 22.88
C VAL A 89 -10.71 9.07 22.98
N VAL A 90 -10.40 9.71 21.84
CA VAL A 90 -9.49 10.85 21.86
C VAL A 90 -10.08 11.99 22.67
N ASP A 91 -11.38 12.27 22.49
CA ASP A 91 -12.04 13.35 23.23
C ASP A 91 -12.02 13.11 24.73
N GLY A 92 -11.94 11.85 25.17
CA GLY A 92 -11.81 11.56 26.58
C GLY A 92 -10.44 11.76 27.17
N GLY A 93 -9.48 12.27 26.40
CA GLY A 93 -8.14 12.51 26.91
C GLY A 93 -7.24 11.30 26.89
N ALA A 94 -7.55 10.28 26.09
CA ALA A 94 -6.82 9.02 26.16
C ALA A 94 -5.39 9.12 25.62
N ILE A 95 -5.11 10.06 24.70
CA ILE A 95 -3.83 10.04 24.00
C ILE A 95 -2.66 10.23 24.96
N PRO A 96 -2.61 11.31 25.78
CA PRO A 96 -1.47 11.42 26.70
C PRO A 96 -1.47 10.33 27.76
N ALA A 97 -2.63 9.81 28.13
CA ALA A 97 -2.68 8.74 29.13
C ALA A 97 -2.10 7.44 28.57
N PHE A 98 -2.34 7.16 27.29
CA PHE A 98 -1.75 5.97 26.69
C PHE A 98 -0.25 6.13 26.48
N ILE A 99 0.21 7.34 26.17
CA ILE A 99 1.64 7.55 26.00
C ILE A 99 2.39 7.38 27.32
N SER A 100 1.79 7.83 28.42
CA SER A 100 2.39 7.55 29.73
C SER A 100 2.46 6.07 30.02
N LEU A 101 1.47 5.30 29.55
CA LEU A 101 1.46 3.86 29.78
C LEU A 101 2.53 3.12 28.98
N LEU A 102 3.11 3.74 27.96
CA LEU A 102 4.22 3.10 27.26
C LEU A 102 5.41 2.83 28.18
N ALA A 103 5.52 3.58 29.28
CA ALA A 103 6.59 3.39 30.25
C ALA A 103 6.22 2.42 31.37
N SER A 104 5.08 1.75 31.26
CA SER A 104 4.67 0.82 32.30
C SER A 104 5.66 -0.33 32.41
N PRO A 105 6.01 -0.76 33.63
CA PRO A 105 6.88 -1.94 33.78
C PRO A 105 6.21 -3.24 33.41
N HIS A 106 4.88 -3.27 33.29
CA HIS A 106 4.15 -4.47 32.90
C HIS A 106 4.06 -4.52 31.38
N ALA A 107 4.65 -5.55 30.78
CA ALA A 107 4.73 -5.63 29.32
C ALA A 107 3.34 -5.69 28.71
N HIS A 108 2.41 -6.41 29.34
CA HIS A 108 1.09 -6.55 28.76
C HIS A 108 0.31 -5.24 28.79
N ILE A 109 0.69 -4.30 29.65
CA ILE A 109 0.02 -3.01 29.72
C ILE A 109 0.58 -2.03 28.69
N SER A 110 1.92 -1.93 28.59
CA SER A 110 2.50 -1.08 27.57
C SER A 110 2.15 -1.56 26.17
N GLU A 111 2.04 -2.88 25.98
CA GLU A 111 1.60 -3.40 24.69
C GLU A 111 0.18 -2.96 24.37
N GLN A 112 -0.70 -2.93 25.38
CA GLN A 112 -2.05 -2.46 25.15
C GLN A 112 -2.06 -0.98 24.79
N ALA A 113 -1.17 -0.21 25.40
CA ALA A 113 -1.04 1.20 25.05
C ALA A 113 -0.53 1.35 23.61
N VAL A 114 0.44 0.53 23.21
CA VAL A 114 0.91 0.52 21.82
C VAL A 114 -0.26 0.24 20.88
N TRP A 115 -1.03 -0.80 21.18
CA TRP A 115 -2.18 -1.18 20.38
C TRP A 115 -3.18 -0.03 20.26
N ALA A 116 -3.53 0.58 21.39
CA ALA A 116 -4.52 1.66 21.38
C ALA A 116 -4.05 2.83 20.52
N LEU A 117 -2.79 3.24 20.68
CA LEU A 117 -2.28 4.35 19.89
C LEU A 117 -2.23 4.00 18.41
N GLY A 118 -2.03 2.72 18.09
CA GLY A 118 -2.10 2.30 16.69
C GLY A 118 -3.48 2.50 16.09
N ASN A 119 -4.53 2.17 16.85
CA ASN A 119 -5.90 2.39 16.39
C ASN A 119 -6.19 3.88 16.23
N ILE A 120 -5.75 4.69 17.19
CA ILE A 120 -6.01 6.12 17.12
C ILE A 120 -5.27 6.74 15.94
N ALA A 121 -3.97 6.44 15.81
CA ALA A 121 -3.20 7.01 14.71
C ALA A 121 -3.70 6.51 13.36
N GLY A 122 -4.16 5.25 13.31
CA GLY A 122 -4.65 4.68 12.06
C GLY A 122 -5.97 5.26 11.57
N ASP A 123 -6.63 6.10 12.36
CA ASP A 123 -7.89 6.66 11.92
C ASP A 123 -7.72 7.66 10.78
N GLY A 124 -6.62 8.39 10.76
CA GLY A 124 -6.46 9.42 9.75
C GLY A 124 -5.30 10.31 10.10
N SER A 125 -4.99 11.22 9.17
CA SER A 125 -3.80 12.04 9.33
C SER A 125 -3.92 12.99 10.52
N ALA A 126 -5.12 13.46 10.83
CA ALA A 126 -5.28 14.39 11.94
C ALA A 126 -4.94 13.71 13.27
N PHE A 127 -5.54 12.54 13.54
CA PHE A 127 -5.22 11.84 14.78
C PHE A 127 -3.79 11.30 14.77
N ARG A 128 -3.31 10.89 13.59
CA ARG A 128 -1.91 10.49 13.46
C ARG A 128 -0.99 11.61 13.92
N ASP A 129 -1.21 12.82 13.39
CA ASP A 129 -0.34 13.94 13.74
C ASP A 129 -0.57 14.40 15.18
N LEU A 130 -1.78 14.22 15.71
CA LEU A 130 -2.01 14.56 17.11
C LEU A 130 -1.28 13.61 18.04
N VAL A 131 -1.30 12.30 17.72
CA VAL A 131 -0.51 11.35 18.49
C VAL A 131 0.96 11.72 18.44
N ILE A 132 1.45 12.18 17.29
CA ILE A 132 2.85 12.57 17.18
C ILE A 132 3.13 13.82 18.00
N LYS A 133 2.21 14.79 17.97
CA LYS A 133 2.41 16.02 18.75
C LYS A 133 2.43 15.74 20.25
N HIS A 134 1.70 14.74 20.71
CA HIS A 134 1.74 14.38 22.12
C HIS A 134 3.03 13.64 22.50
N GLY A 135 3.92 13.38 21.54
CA GLY A 135 5.22 12.81 21.84
C GLY A 135 5.29 11.30 21.86
N ALA A 136 4.49 10.61 21.06
CA ALA A 136 4.46 9.16 21.16
C ALA A 136 5.67 8.47 20.55
N ILE A 137 6.39 9.14 19.64
CA ILE A 137 7.39 8.43 18.85
C ILE A 137 8.58 8.01 19.71
N ASP A 138 9.10 8.94 20.53
CA ASP A 138 10.26 8.60 21.38
C ASP A 138 9.98 7.39 22.26
N PRO A 139 8.92 7.33 23.08
CA PRO A 139 8.72 6.13 23.91
C PRO A 139 8.42 4.88 23.10
N LEU A 140 7.80 5.02 21.92
CA LEU A 140 7.57 3.83 21.09
C LEU A 140 8.89 3.25 20.60
N LEU A 141 9.74 4.09 20.00
CA LEU A 141 11.03 3.62 19.52
C LEU A 141 11.92 3.13 20.66
N ALA A 142 11.79 3.73 21.84
CA ALA A 142 12.57 3.27 22.99
C ALA A 142 12.24 1.82 23.35
N LEU A 143 11.01 1.37 23.07
CA LEU A 143 10.65 -0.02 23.35
C LEU A 143 11.38 -0.99 22.43
N LEU A 144 11.93 -0.50 21.31
CA LEU A 144 12.65 -1.32 20.35
C LEU A 144 14.16 -1.13 20.43
N ALA A 145 14.64 -0.41 21.44
CA ALA A 145 16.08 -0.16 21.58
C ALA A 145 16.74 -1.32 22.33
N VAL A 146 16.80 -2.45 21.65
CA VAL A 146 17.49 -3.64 22.16
C VAL A 146 18.50 -4.09 21.12
N PRO A 147 19.58 -4.76 21.53
CA PRO A 147 20.57 -5.21 20.52
C PRO A 147 19.99 -6.18 19.51
N ASP A 148 19.07 -7.05 19.93
CA ASP A 148 18.52 -8.07 19.05
C ASP A 148 17.02 -8.11 19.24
N LEU A 149 16.27 -7.83 18.17
CA LEU A 149 14.81 -7.85 18.24
C LEU A 149 14.26 -9.21 18.60
N SER A 150 15.03 -10.28 18.38
CA SER A 150 14.55 -11.63 18.65
C SER A 150 14.27 -11.86 20.13
N THR A 151 14.87 -11.07 21.02
CA THR A 151 14.61 -11.23 22.44
C THR A 151 13.25 -10.69 22.86
N LEU A 152 12.61 -9.89 22.02
CA LEU A 152 11.30 -9.34 22.34
C LEU A 152 10.21 -10.37 22.05
N ALA A 153 9.15 -10.32 22.86
CA ALA A 153 8.01 -11.19 22.63
C ALA A 153 7.46 -10.96 21.22
N CYS A 154 7.11 -12.04 20.55
CA CYS A 154 6.72 -11.96 19.15
C CYS A 154 5.48 -11.09 18.98
N GLY A 155 4.42 -11.36 19.74
CA GLY A 155 3.22 -10.54 19.62
C GLY A 155 3.48 -9.09 19.95
N TYR A 156 4.33 -8.85 20.95
CA TYR A 156 4.72 -7.49 21.31
C TYR A 156 5.38 -6.77 20.14
N LEU A 157 6.34 -7.43 19.49
CA LEU A 157 7.04 -6.82 18.36
C LEU A 157 6.10 -6.58 17.19
N ARG A 158 5.17 -7.51 16.95
CA ARG A 158 4.21 -7.33 15.86
C ARG A 158 3.32 -6.13 16.10
N ASN A 159 2.93 -5.90 17.35
CA ASN A 159 2.06 -4.76 17.64
C ASN A 159 2.82 -3.45 17.48
N LEU A 160 4.08 -3.40 17.92
CA LEU A 160 4.88 -2.19 17.74
C LEU A 160 5.07 -1.87 16.28
N THR A 161 5.40 -2.89 15.47
CA THR A 161 5.57 -2.69 14.03
C THR A 161 4.29 -2.16 13.41
N TRP A 162 3.14 -2.76 13.75
CA TRP A 162 1.89 -2.33 13.16
C TRP A 162 1.56 -0.89 13.54
N THR A 163 1.79 -0.52 14.80
CA THR A 163 1.52 0.85 15.23
C THR A 163 2.46 1.83 14.54
N LEU A 164 3.74 1.49 14.40
CA LEU A 164 4.65 2.34 13.66
C LEU A 164 4.20 2.52 12.21
N SER A 165 3.67 1.46 11.60
CA SER A 165 3.20 1.58 10.21
C SER A 165 2.01 2.52 10.11
N ASN A 166 1.16 2.57 11.15
CA ASN A 166 0.04 3.50 11.12
C ASN A 166 0.52 4.95 11.28
N LEU A 167 1.64 5.16 11.98
CA LEU A 167 2.21 6.49 12.05
C LEU A 167 2.81 6.94 10.73
N CYS A 168 3.14 6.00 9.84
CA CYS A 168 3.61 6.30 8.49
C CYS A 168 2.48 6.41 7.49
N ARG A 169 1.25 6.09 7.89
CA ARG A 169 0.14 5.92 6.97
C ARG A 169 -0.58 7.25 6.73
N ASN A 170 -1.25 7.32 5.58
CA ASN A 170 -2.19 8.36 5.16
C ASN A 170 -1.49 9.56 4.54
N LYS A 171 -2.21 10.29 3.71
CA LYS A 171 -1.70 11.43 2.97
C LYS A 171 -2.63 12.61 3.18
N ASN A 172 -2.28 13.74 2.57
CA ASN A 172 -3.03 14.98 2.69
C ASN A 172 -3.33 15.32 4.16
N PRO A 173 -2.31 15.63 4.96
CA PRO A 173 -0.90 15.59 4.58
C PRO A 173 -0.24 14.24 4.88
N ALA A 174 0.90 14.00 4.25
CA ALA A 174 1.78 12.91 4.64
C ALA A 174 2.32 13.20 6.04
N PRO A 175 2.87 12.19 6.72
CA PRO A 175 3.40 12.41 8.08
C PRO A 175 4.48 13.48 8.08
N PRO A 176 4.72 14.13 9.21
CA PRO A 176 5.78 15.14 9.28
C PRO A 176 7.14 14.57 8.90
N LEU A 177 7.86 15.31 8.05
CA LEU A 177 9.18 14.89 7.61
C LEU A 177 10.06 14.51 8.78
N ASP A 178 10.04 15.32 9.85
CA ASP A 178 10.86 15.04 11.02
C ASP A 178 10.47 13.70 11.67
N ALA A 179 9.17 13.37 11.71
CA ALA A 179 8.76 12.09 12.28
C ALA A 179 9.22 10.94 11.42
N VAL A 180 9.11 11.08 10.09
CA VAL A 180 9.57 10.02 9.19
C VAL A 180 11.06 9.76 9.38
N GLU A 181 11.87 10.82 9.43
CA GLU A 181 13.30 10.62 9.63
C GLU A 181 13.58 9.97 10.98
N GLN A 182 12.77 10.27 11.99
CA GLN A 182 12.96 9.68 13.30
C GLN A 182 12.62 8.19 13.30
N ILE A 183 11.61 7.80 12.53
CA ILE A 183 11.12 6.43 12.53
C ILE A 183 11.94 5.53 11.60
N LEU A 184 12.39 6.07 10.45
CA LEU A 184 12.97 5.25 9.39
C LEU A 184 14.06 4.28 9.85
N PRO A 185 15.06 4.69 10.66
CA PRO A 185 16.09 3.71 11.04
C PRO A 185 15.55 2.50 11.77
N THR A 186 14.47 2.66 12.54
CA THR A 186 13.86 1.50 13.18
C THR A 186 13.08 0.66 12.17
N LEU A 187 12.42 1.32 11.22
CA LEU A 187 11.75 0.59 10.15
C LEU A 187 12.74 -0.27 9.36
N VAL A 188 13.91 0.30 9.03
CA VAL A 188 14.91 -0.45 8.28
C VAL A 188 15.31 -1.70 9.05
N ARG A 189 15.48 -1.58 10.37
CA ARG A 189 15.81 -2.73 11.20
C ARG A 189 14.68 -3.76 11.21
N LEU A 190 13.43 -3.30 11.32
CA LEU A 190 12.32 -4.24 11.31
C LEU A 190 12.20 -4.92 9.95
N LEU A 191 12.59 -4.23 8.88
CA LEU A 191 12.58 -4.80 7.54
C LEU A 191 13.54 -5.98 7.40
N HIS A 192 14.51 -6.13 8.30
CA HIS A 192 15.44 -7.25 8.27
C HIS A 192 15.11 -8.31 9.32
N HIS A 193 14.02 -8.15 10.06
CA HIS A 193 13.64 -9.14 11.06
C HIS A 193 13.05 -10.39 10.39
N ASN A 194 13.07 -11.51 11.12
CA ASN A 194 12.71 -12.80 10.56
C ASN A 194 11.24 -13.18 10.75
N ASP A 195 10.40 -12.25 11.22
CA ASP A 195 9.01 -12.67 11.43
C ASP A 195 8.16 -12.26 10.23
N PRO A 196 7.36 -13.17 9.68
CA PRO A 196 6.59 -12.81 8.47
C PRO A 196 5.61 -11.66 8.68
N GLU A 197 5.03 -11.53 9.88
CA GLU A 197 4.10 -10.44 10.13
C GLU A 197 4.82 -9.12 10.34
N VAL A 198 5.96 -9.15 11.05
CA VAL A 198 6.77 -7.94 11.15
C VAL A 198 7.20 -7.47 9.77
N LEU A 199 7.63 -8.41 8.93
CA LEU A 199 8.08 -8.08 7.57
C LEU A 199 6.95 -7.47 6.75
N ALA A 200 5.75 -8.04 6.84
CA ALA A 200 4.62 -7.51 6.06
C ALA A 200 4.31 -6.08 6.47
N ASP A 201 4.18 -5.84 7.78
CA ASP A 201 3.81 -4.51 8.25
C ASP A 201 4.94 -3.51 8.05
N SER A 202 6.20 -3.95 8.14
CA SER A 202 7.32 -3.09 7.78
C SER A 202 7.23 -2.68 6.31
N CYS A 203 6.96 -3.64 5.43
CA CYS A 203 6.79 -3.33 4.02
C CYS A 203 5.63 -2.37 3.79
N TRP A 204 4.51 -2.57 4.50
CA TRP A 204 3.40 -1.64 4.37
C TRP A 204 3.83 -0.22 4.74
N ALA A 205 4.53 -0.08 5.87
CA ALA A 205 5.01 1.25 6.28
C ALA A 205 5.88 1.88 5.21
N ILE A 206 6.79 1.10 4.62
CA ILE A 206 7.63 1.63 3.56
C ILE A 206 6.80 1.99 2.34
N SER A 207 5.77 1.20 2.05
CA SER A 207 4.91 1.51 0.91
C SER A 207 4.16 2.83 1.14
N TYR A 208 3.76 3.10 2.38
CA TYR A 208 3.14 4.40 2.67
C TYR A 208 4.13 5.53 2.48
N LEU A 209 5.35 5.37 3.00
CA LEU A 209 6.32 6.45 2.96
C LEU A 209 6.75 6.78 1.52
N THR A 210 6.73 5.78 0.63
CA THR A 210 7.11 5.99 -0.76
C THR A 210 5.93 6.43 -1.63
N ASP A 211 4.72 6.50 -1.07
CA ASP A 211 3.56 6.97 -1.82
C ASP A 211 3.49 8.49 -1.70
N GLY A 212 4.36 9.16 -2.46
CA GLY A 212 4.41 10.60 -2.45
C GLY A 212 5.35 11.15 -3.50
N PRO A 213 5.73 12.42 -3.35
CA PRO A 213 6.66 13.04 -4.29
C PRO A 213 8.07 12.51 -4.12
N ASN A 214 8.94 12.87 -5.07
CA ASN A 214 10.27 12.30 -5.15
C ASN A 214 11.07 12.51 -3.88
N GLU A 215 10.83 13.61 -3.17
CA GLU A 215 11.56 13.88 -1.94
C GLU A 215 11.25 12.84 -0.88
N ARG A 216 9.98 12.41 -0.80
CA ARG A 216 9.62 11.34 0.13
C ARG A 216 10.26 10.03 -0.28
N ILE A 217 10.17 9.69 -1.57
CA ILE A 217 10.82 8.49 -2.09
C ILE A 217 12.31 8.53 -1.78
N GLU A 218 12.94 9.70 -1.92
CA GLU A 218 14.38 9.80 -1.74
C GLU A 218 14.78 9.49 -0.30
N MET A 219 13.99 9.96 0.67
CA MET A 219 14.28 9.65 2.08
C MET A 219 14.37 8.15 2.31
N VAL A 220 13.50 7.38 1.64
CA VAL A 220 13.53 5.93 1.83
C VAL A 220 14.69 5.32 1.07
N VAL A 221 14.84 5.68 -0.20
CA VAL A 221 15.87 5.06 -1.05
C VAL A 221 17.26 5.31 -0.46
N LYS A 222 17.49 6.50 0.10
CA LYS A 222 18.79 6.82 0.67
C LYS A 222 19.13 5.97 1.88
N LYS A 223 18.14 5.39 2.57
CA LYS A 223 18.43 4.48 3.66
C LYS A 223 18.91 3.11 3.18
N GLY A 224 18.94 2.89 1.87
CA GLY A 224 19.49 1.66 1.33
C GLY A 224 18.62 0.44 1.44
N VAL A 225 17.29 0.61 1.51
CA VAL A 225 16.39 -0.52 1.72
C VAL A 225 15.95 -1.21 0.44
N VAL A 226 16.21 -0.61 -0.73
CA VAL A 226 15.72 -1.20 -1.99
C VAL A 226 16.18 -2.65 -2.16
N PRO A 227 17.47 -2.99 -1.98
CA PRO A 227 17.85 -4.41 -2.07
C PRO A 227 17.05 -5.32 -1.16
N GLN A 228 16.78 -4.89 0.07
CA GLN A 228 15.97 -5.72 0.97
C GLN A 228 14.53 -5.82 0.48
N LEU A 229 13.99 -4.72 -0.05
CA LEU A 229 12.65 -4.77 -0.63
C LEU A 229 12.59 -5.76 -1.78
N VAL A 230 13.63 -5.79 -2.63
CA VAL A 230 13.67 -6.71 -3.75
C VAL A 230 13.73 -8.15 -3.27
N LYS A 231 14.51 -8.40 -2.21
CA LYS A 231 14.54 -9.75 -1.64
C LYS A 231 13.17 -10.15 -1.13
N LEU A 232 12.47 -9.24 -0.45
CA LEU A 232 11.12 -9.54 0.02
C LEU A 232 10.14 -9.69 -1.13
N LEU A 233 10.43 -9.08 -2.29
CA LEU A 233 9.63 -9.29 -3.49
C LEU A 233 9.55 -10.76 -3.86
N GLY A 234 10.61 -11.52 -3.60
CA GLY A 234 10.68 -12.93 -3.91
C GLY A 234 10.18 -13.85 -2.83
N ALA A 235 9.58 -13.33 -1.77
CA ALA A 235 9.10 -14.17 -0.68
C ALA A 235 7.95 -15.05 -1.15
N THR A 236 7.74 -16.15 -0.43
CA THR A 236 6.63 -17.03 -0.75
C THR A 236 5.32 -16.56 -0.14
N GLU A 237 5.38 -15.75 0.92
CA GLU A 237 4.18 -15.28 1.60
C GLU A 237 3.59 -14.10 0.83
N LEU A 238 2.39 -14.31 0.28
CA LEU A 238 1.66 -13.22 -0.35
C LEU A 238 1.48 -11.99 0.53
N PRO A 239 1.26 -12.09 1.85
CA PRO A 239 1.16 -10.87 2.67
C PRO A 239 2.45 -10.06 2.73
N ILE A 240 3.59 -10.64 2.36
CA ILE A 240 4.83 -9.88 2.27
C ILE A 240 5.04 -9.33 0.87
N VAL A 241 4.79 -10.16 -0.15
CA VAL A 241 5.00 -9.74 -1.54
C VAL A 241 4.15 -8.53 -1.87
N THR A 242 2.88 -8.52 -1.40
CA THR A 242 1.97 -7.44 -1.77
C THR A 242 2.49 -6.06 -1.36
N PRO A 243 2.83 -5.79 -0.09
CA PRO A 243 3.36 -4.46 0.24
C PRO A 243 4.76 -4.22 -0.30
N ALA A 244 5.60 -5.27 -0.39
CA ALA A 244 6.90 -5.10 -1.02
C ALA A 244 6.77 -4.62 -2.45
N LEU A 245 5.85 -5.23 -3.22
CA LEU A 245 5.64 -4.81 -4.59
C LEU A 245 5.05 -3.41 -4.67
N ARG A 246 4.12 -3.08 -3.76
CA ARG A 246 3.57 -1.73 -3.75
C ARG A 246 4.68 -0.70 -3.51
N ALA A 247 5.60 -1.01 -2.59
CA ALA A 247 6.71 -0.10 -2.32
C ALA A 247 7.61 0.06 -3.54
N ILE A 248 7.98 -1.06 -4.16
CA ILE A 248 8.82 -1.02 -5.35
C ILE A 248 8.12 -0.22 -6.45
N GLY A 249 6.83 -0.48 -6.65
CA GLY A 249 6.07 0.27 -7.64
C GLY A 249 6.03 1.76 -7.35
N ASN A 250 5.90 2.13 -6.07
CA ASN A 250 5.91 3.54 -5.71
C ASN A 250 7.24 4.18 -6.05
N ILE A 251 8.34 3.49 -5.74
CA ILE A 251 9.68 4.04 -5.96
C ILE A 251 9.90 4.34 -7.44
N VAL A 252 9.42 3.47 -8.34
CA VAL A 252 9.66 3.69 -9.75
C VAL A 252 8.74 4.73 -10.36
N THR A 253 7.82 5.31 -9.59
CA THR A 253 7.13 6.51 -10.05
C THR A 253 7.98 7.77 -9.91
N GLY A 254 9.17 7.66 -9.30
CA GLY A 254 10.03 8.81 -9.09
C GLY A 254 10.95 9.10 -10.24
N THR A 255 12.17 9.53 -9.94
CA THR A 255 13.13 9.89 -10.97
C THR A 255 13.70 8.65 -11.64
N ASP A 256 14.36 8.87 -12.78
CA ASP A 256 15.06 7.79 -13.45
C ASP A 256 16.17 7.22 -12.58
N GLU A 257 16.79 8.06 -11.75
CA GLU A 257 17.86 7.61 -10.86
C GLU A 257 17.30 6.72 -9.75
N GLN A 258 16.12 7.06 -9.23
CA GLN A 258 15.50 6.20 -8.23
C GLN A 258 15.01 4.90 -8.86
N THR A 259 14.46 4.97 -10.08
CA THR A 259 14.11 3.76 -10.81
C THR A 259 15.33 2.87 -11.03
N GLN A 260 16.49 3.48 -11.29
CA GLN A 260 17.70 2.69 -11.54
C GLN A 260 18.10 1.87 -10.31
N LYS A 261 17.86 2.40 -9.11
CA LYS A 261 18.19 1.65 -7.90
C LYS A 261 17.38 0.36 -7.83
N VAL A 262 16.12 0.41 -8.25
CA VAL A 262 15.29 -0.78 -8.28
C VAL A 262 15.85 -1.80 -9.26
N ILE A 263 16.22 -1.33 -10.46
CA ILE A 263 16.80 -2.21 -11.47
C ILE A 263 18.14 -2.76 -10.98
N ASP A 264 19.00 -1.88 -10.46
CA ASP A 264 20.32 -2.32 -10.00
C ASP A 264 20.22 -3.36 -8.89
N ALA A 265 19.14 -3.32 -8.11
CA ALA A 265 18.98 -4.28 -7.02
C ALA A 265 18.49 -5.64 -7.50
N GLY A 266 18.19 -5.78 -8.79
CA GLY A 266 17.80 -7.06 -9.35
C GLY A 266 16.31 -7.31 -9.41
N ALA A 267 15.49 -6.26 -9.37
CA ALA A 267 14.05 -6.47 -9.25
C ALA A 267 13.47 -7.11 -10.51
N LEU A 268 14.01 -6.81 -11.68
CA LEU A 268 13.43 -7.31 -12.92
C LEU A 268 13.47 -8.83 -13.00
N ALA A 269 14.41 -9.46 -12.29
CA ALA A 269 14.49 -10.92 -12.34
C ALA A 269 13.30 -11.59 -11.66
N VAL A 270 12.58 -10.88 -10.81
CA VAL A 270 11.40 -11.43 -10.15
C VAL A 270 10.15 -11.29 -11.00
N PHE A 271 10.17 -10.46 -12.02
CA PHE A 271 8.94 -10.14 -12.73
C PHE A 271 8.39 -11.25 -13.62
N PRO A 272 9.18 -12.21 -14.10
CA PRO A 272 8.54 -13.39 -14.73
C PRO A 272 7.47 -14.02 -13.85
N SER A 273 7.78 -14.21 -12.56
CA SER A 273 6.80 -14.76 -11.63
C SER A 273 5.68 -13.77 -11.33
N LEU A 274 6.01 -12.49 -11.11
CA LEU A 274 5.00 -11.51 -10.75
C LEU A 274 4.00 -11.30 -11.88
N LEU A 275 4.47 -11.25 -13.12
CA LEU A 275 3.58 -11.01 -14.26
C LEU A 275 2.76 -12.23 -14.63
N THR A 276 3.02 -13.40 -14.02
CA THR A 276 2.18 -14.57 -14.18
C THR A 276 1.61 -15.05 -12.85
N ASN A 277 1.61 -14.18 -11.86
CA ASN A 277 1.18 -14.55 -10.51
C ASN A 277 -0.32 -14.90 -10.53
N PRO A 278 -0.73 -15.95 -9.83
CA PRO A 278 -2.15 -16.30 -9.81
C PRO A 278 -3.03 -15.25 -9.15
N LYS A 279 -2.49 -14.39 -8.30
CA LYS A 279 -3.30 -13.35 -7.67
C LYS A 279 -3.42 -12.16 -8.62
N THR A 280 -4.67 -11.81 -8.96
CA THR A 280 -4.92 -10.74 -9.93
C THR A 280 -4.24 -9.45 -9.51
N ASN A 281 -4.31 -9.11 -8.23
CA ASN A 281 -3.75 -7.84 -7.78
C ASN A 281 -2.24 -7.78 -7.96
N ILE A 282 -1.54 -8.90 -7.78
CA ILE A 282 -0.10 -8.92 -8.00
C ILE A 282 0.22 -8.65 -9.47
N GLN A 283 -0.51 -9.30 -10.38
CA GLN A 283 -0.27 -9.08 -11.81
C GLN A 283 -0.54 -7.63 -12.18
N LYS A 284 -1.62 -7.05 -11.66
CA LYS A 284 -1.94 -5.65 -11.95
C LYS A 284 -0.86 -4.72 -11.44
N GLU A 285 -0.45 -4.90 -10.18
CA GLU A 285 0.60 -4.04 -9.61
C GLU A 285 1.92 -4.22 -10.34
N ALA A 286 2.28 -5.46 -10.66
CA ALA A 286 3.54 -5.72 -11.34
C ALA A 286 3.54 -5.10 -12.74
N THR A 287 2.41 -5.21 -13.44
CA THR A 287 2.33 -4.61 -14.77
C THR A 287 2.35 -3.09 -14.69
N TRP A 288 1.66 -2.52 -13.70
CA TRP A 288 1.74 -1.08 -13.49
C TRP A 288 3.19 -0.65 -13.23
N THR A 289 3.90 -1.40 -12.39
CA THR A 289 5.31 -1.11 -12.15
C THR A 289 6.11 -1.18 -13.45
N MET A 290 5.86 -2.20 -14.27
CA MET A 290 6.55 -2.31 -15.55
C MET A 290 6.29 -1.09 -16.42
N SER A 291 5.06 -0.59 -16.43
CA SER A 291 4.72 0.56 -17.26
C SER A 291 5.51 1.80 -16.86
N ASN A 292 5.81 1.94 -15.56
CA ASN A 292 6.59 3.08 -15.11
C ASN A 292 8.08 2.86 -15.34
N ILE A 293 8.50 1.62 -15.53
CA ILE A 293 9.88 1.37 -15.92
C ILE A 293 10.05 1.57 -17.42
N THR A 294 9.05 1.17 -18.22
CA THR A 294 9.15 1.43 -19.66
C THR A 294 8.92 2.90 -20.00
N ALA A 295 8.54 3.72 -19.02
CA ALA A 295 8.50 5.16 -19.20
C ALA A 295 9.83 5.83 -18.85
N GLY A 296 10.85 5.05 -18.54
CA GLY A 296 12.16 5.57 -18.22
C GLY A 296 13.06 5.70 -19.42
N ARG A 297 14.36 5.68 -19.16
CA ARG A 297 15.36 5.88 -20.20
C ARG A 297 15.47 4.64 -21.09
N GLN A 298 16.12 4.83 -22.24
CA GLN A 298 16.28 3.74 -23.19
C GLN A 298 17.15 2.62 -22.64
N ASP A 299 18.19 2.95 -21.86
CA ASP A 299 18.97 1.90 -21.22
C ASP A 299 18.17 1.15 -20.17
N GLN A 300 17.10 1.75 -19.66
CA GLN A 300 16.23 1.04 -18.73
C GLN A 300 15.22 0.18 -19.47
N ILE A 301 14.67 0.68 -20.57
CA ILE A 301 13.92 -0.16 -21.49
C ILE A 301 14.77 -1.36 -21.93
N GLN A 302 16.07 -1.13 -22.12
CA GLN A 302 16.94 -2.20 -22.59
C GLN A 302 17.09 -3.31 -21.55
N GLN A 303 17.13 -2.95 -20.26
CA GLN A 303 17.20 -3.96 -19.22
C GLN A 303 15.91 -4.76 -19.14
N VAL A 304 14.77 -4.13 -19.41
CA VAL A 304 13.53 -4.88 -19.56
C VAL A 304 13.66 -5.90 -20.67
N VAL A 305 14.24 -5.50 -21.80
CA VAL A 305 14.47 -6.41 -22.91
C VAL A 305 15.40 -7.54 -22.48
N ASN A 306 16.55 -7.19 -21.88
CA ASN A 306 17.55 -8.19 -21.54
C ASN A 306 17.03 -9.23 -20.56
N HIS A 307 16.13 -8.81 -19.65
CA HIS A 307 15.55 -9.74 -18.68
C HIS A 307 14.45 -10.60 -19.28
N GLY A 308 14.22 -10.50 -20.59
CA GLY A 308 13.23 -11.31 -21.26
C GLY A 308 11.80 -10.97 -20.89
N LEU A 309 11.53 -9.73 -20.50
CA LEU A 309 10.23 -9.34 -19.98
C LEU A 309 9.25 -8.89 -21.05
N VAL A 310 9.71 -8.63 -22.27
CA VAL A 310 8.78 -8.26 -23.34
C VAL A 310 7.80 -9.39 -23.64
N PRO A 311 8.22 -10.65 -23.80
CA PRO A 311 7.23 -11.72 -23.98
C PRO A 311 6.23 -11.79 -22.83
N PHE A 312 6.66 -11.50 -21.61
CA PHE A 312 5.71 -11.48 -20.50
C PHE A 312 4.72 -10.32 -20.62
N LEU A 313 5.16 -9.20 -21.19
CA LEU A 313 4.22 -8.12 -21.47
C LEU A 313 3.25 -8.51 -22.58
N VAL A 314 3.76 -9.19 -23.62
CA VAL A 314 2.87 -9.75 -24.65
C VAL A 314 1.88 -10.71 -24.01
N GLY A 315 2.33 -11.47 -23.02
CA GLY A 315 1.44 -12.41 -22.34
C GLY A 315 0.29 -11.73 -21.61
N VAL A 316 0.61 -10.73 -20.79
CA VAL A 316 -0.46 -10.08 -20.03
C VAL A 316 -1.38 -9.29 -20.95
N LEU A 317 -0.84 -8.71 -22.02
CA LEU A 317 -1.71 -8.06 -22.99
C LEU A 317 -2.64 -9.07 -23.66
N SER A 318 -2.17 -10.30 -23.88
CA SER A 318 -2.99 -11.30 -24.57
C SER A 318 -4.09 -11.85 -23.66
N LYS A 319 -3.77 -12.17 -22.41
CA LYS A 319 -4.78 -12.69 -21.49
C LYS A 319 -4.42 -12.27 -20.07
N ALA A 320 -5.34 -11.56 -19.43
CA ALA A 320 -5.22 -11.15 -18.04
C ALA A 320 -6.55 -10.52 -17.66
N ASP A 321 -6.71 -10.24 -16.38
CA ASP A 321 -7.80 -9.38 -15.95
C ASP A 321 -7.75 -8.06 -16.73
N PHE A 322 -8.92 -7.50 -17.05
CA PHE A 322 -8.93 -6.32 -17.91
C PHE A 322 -8.11 -5.18 -17.33
N LYS A 323 -8.18 -4.98 -16.02
CA LYS A 323 -7.41 -3.89 -15.41
C LYS A 323 -5.91 -4.13 -15.53
N THR A 324 -5.48 -5.40 -15.56
CA THR A 324 -4.08 -5.69 -15.83
C THR A 324 -3.74 -5.41 -17.29
N GLN A 325 -4.60 -5.84 -18.21
CA GLN A 325 -4.39 -5.56 -19.62
C GLN A 325 -4.27 -4.06 -19.88
N LYS A 326 -5.04 -3.26 -19.14
CA LYS A 326 -4.95 -1.81 -19.29
C LYS A 326 -3.57 -1.30 -18.89
N GLU A 327 -3.01 -1.81 -17.79
CA GLU A 327 -1.66 -1.43 -17.40
C GLU A 327 -0.64 -1.92 -18.42
N ALA A 328 -0.89 -3.08 -19.02
CA ALA A 328 -0.01 -3.57 -20.08
C ALA A 328 -0.02 -2.63 -21.27
N ALA A 329 -1.20 -2.14 -21.64
CA ALA A 329 -1.29 -1.18 -22.74
C ALA A 329 -0.45 0.05 -22.43
N TRP A 330 -0.56 0.59 -21.21
CA TRP A 330 0.28 1.71 -20.80
C TRP A 330 1.75 1.36 -20.91
N ALA A 331 2.13 0.15 -20.49
CA ALA A 331 3.53 -0.26 -20.57
C ALA A 331 4.03 -0.24 -22.01
N ILE A 332 3.17 -0.66 -22.95
CA ILE A 332 3.56 -0.69 -24.36
C ILE A 332 3.67 0.72 -24.92
N THR A 333 2.67 1.57 -24.62
CA THR A 333 2.71 2.94 -25.13
C THR A 333 3.92 3.69 -24.59
N ASN A 334 4.23 3.52 -23.30
CA ASN A 334 5.44 4.13 -22.76
C ASN A 334 6.68 3.56 -23.43
N TYR A 335 6.72 2.24 -23.62
CA TYR A 335 7.83 1.59 -24.32
C TYR A 335 8.03 2.21 -25.71
N THR A 336 6.95 2.31 -26.49
CA THR A 336 7.09 2.76 -27.86
C THR A 336 7.35 4.26 -27.95
N SER A 337 6.98 5.01 -26.91
CA SER A 337 7.21 6.45 -26.94
C SER A 337 8.67 6.79 -26.63
N GLY A 338 9.31 6.04 -25.74
CA GLY A 338 10.67 6.35 -25.35
C GLY A 338 11.73 5.43 -25.91
N GLY A 339 11.32 4.36 -26.58
CA GLY A 339 12.28 3.38 -27.03
C GLY A 339 12.94 3.74 -28.36
N THR A 340 14.08 3.11 -28.60
CA THR A 340 14.75 3.19 -29.89
C THR A 340 13.95 2.43 -30.96
N VAL A 341 14.35 2.61 -32.22
CA VAL A 341 13.72 1.89 -33.32
C VAL A 341 13.92 0.40 -33.17
N GLU A 342 15.14 -0.02 -32.82
CA GLU A 342 15.46 -1.44 -32.66
C GLU A 342 14.64 -2.07 -31.54
N GLN A 343 14.48 -1.35 -30.42
CA GLN A 343 13.66 -1.85 -29.33
C GLN A 343 12.20 -1.99 -29.75
N ILE A 344 11.70 -1.05 -30.55
CA ILE A 344 10.33 -1.13 -31.01
C ILE A 344 10.17 -2.26 -32.01
N VAL A 345 11.18 -2.48 -32.86
CA VAL A 345 11.16 -3.59 -33.80
C VAL A 345 11.09 -4.92 -33.05
N TYR A 346 11.94 -5.07 -32.03
CA TYR A 346 11.91 -6.27 -31.19
C TYR A 346 10.53 -6.50 -30.59
N LEU A 347 9.86 -5.42 -30.19
CA LEU A 347 8.52 -5.54 -29.61
C LEU A 347 7.54 -6.15 -30.59
N VAL A 348 7.57 -5.69 -31.85
CA VAL A 348 6.70 -6.26 -32.87
C VAL A 348 7.06 -7.71 -33.14
N HIS A 349 8.37 -8.00 -33.23
CA HIS A 349 8.83 -9.37 -33.45
C HIS A 349 8.35 -10.32 -32.37
N CYS A 350 8.16 -9.83 -31.14
CA CYS A 350 7.65 -10.67 -30.06
C CYS A 350 6.15 -10.85 -30.10
N GLY A 351 5.44 -10.22 -31.04
CA GLY A 351 4.04 -10.48 -31.23
C GLY A 351 3.09 -9.51 -30.58
N ILE A 352 3.49 -8.24 -30.44
CA ILE A 352 2.65 -7.30 -29.71
C ILE A 352 1.43 -6.85 -30.51
N ILE A 353 1.44 -6.98 -31.84
CA ILE A 353 0.43 -6.31 -32.66
C ILE A 353 -0.94 -6.94 -32.46
N GLU A 354 -1.04 -8.27 -32.58
CA GLU A 354 -2.35 -8.90 -32.50
C GLU A 354 -3.04 -8.69 -31.15
N PRO A 355 -2.39 -8.91 -29.99
CA PRO A 355 -3.10 -8.63 -28.73
C PRO A 355 -3.39 -7.14 -28.53
N LEU A 356 -2.59 -6.26 -29.12
CA LEU A 356 -2.92 -4.83 -29.14
C LEU A 356 -4.24 -4.59 -29.87
N MET A 357 -4.37 -5.14 -31.08
CA MET A 357 -5.59 -4.95 -31.85
C MET A 357 -6.80 -5.53 -31.15
N ASN A 358 -6.64 -6.70 -30.53
CA ASN A 358 -7.78 -7.35 -29.89
C ASN A 358 -8.37 -6.50 -28.77
N LEU A 359 -7.54 -5.67 -28.15
CA LEU A 359 -8.02 -4.83 -27.06
C LEU A 359 -8.70 -3.56 -27.55
N LEU A 360 -8.71 -3.30 -28.86
CA LEU A 360 -9.51 -2.19 -29.38
C LEU A 360 -11.00 -2.48 -29.33
N SER A 361 -11.39 -3.75 -29.12
CA SER A 361 -12.79 -4.10 -28.90
C SER A 361 -13.27 -3.69 -27.51
N ALA A 362 -12.37 -3.26 -26.63
CA ALA A 362 -12.75 -2.93 -25.27
C ALA A 362 -13.56 -1.64 -25.24
N LYS A 363 -14.65 -1.67 -24.46
CA LYS A 363 -15.47 -0.47 -24.25
C LYS A 363 -14.94 0.37 -23.10
N ASP A 364 -13.65 0.70 -23.19
CA ASP A 364 -12.98 1.61 -22.27
C ASP A 364 -12.29 2.64 -23.15
N THR A 365 -12.78 3.87 -23.12
CA THR A 365 -12.30 4.85 -24.08
C THR A 365 -10.83 5.22 -23.83
N LYS A 366 -10.33 5.12 -22.61
CA LYS A 366 -8.94 5.51 -22.37
C LYS A 366 -7.95 4.47 -22.89
N ILE A 367 -8.25 3.18 -22.72
CA ILE A 367 -7.33 2.18 -23.25
C ILE A 367 -7.28 2.25 -24.77
N ILE A 368 -8.36 2.69 -25.41
CA ILE A 368 -8.35 2.84 -26.86
C ILE A 368 -7.38 3.93 -27.28
N GLN A 369 -7.43 5.09 -26.61
CA GLN A 369 -6.46 6.15 -26.89
C GLN A 369 -5.03 5.68 -26.61
N VAL A 370 -4.84 4.93 -25.52
CA VAL A 370 -3.51 4.42 -25.21
C VAL A 370 -3.00 3.52 -26.32
N ILE A 371 -3.86 2.63 -26.82
CA ILE A 371 -3.46 1.70 -27.87
C ILE A 371 -3.21 2.43 -29.18
N LEU A 372 -4.10 3.36 -29.53
CA LEU A 372 -3.93 4.14 -30.76
C LEU A 372 -2.62 4.92 -30.73
N ASP A 373 -2.26 5.45 -29.55
CA ASP A 373 -0.96 6.13 -29.41
C ASP A 373 0.18 5.18 -29.71
N ALA A 374 0.11 3.95 -29.16
CA ALA A 374 1.18 2.98 -29.38
C ALA A 374 1.31 2.62 -30.84
N ILE A 375 0.19 2.44 -31.54
CA ILE A 375 0.22 2.15 -32.97
C ILE A 375 0.90 3.27 -33.72
N SER A 376 0.56 4.52 -33.41
CA SER A 376 1.23 5.66 -34.03
C SER A 376 2.72 5.61 -33.77
N ASN A 377 3.12 5.34 -32.54
CA ASN A 377 4.55 5.27 -32.22
C ASN A 377 5.23 4.17 -32.98
N ILE A 378 4.56 3.02 -33.17
CA ILE A 378 5.19 1.93 -33.91
C ILE A 378 5.30 2.29 -35.39
N PHE A 379 4.26 2.91 -35.95
CA PHE A 379 4.33 3.33 -37.34
C PHE A 379 5.45 4.34 -37.56
N GLN A 380 5.66 5.25 -36.60
CA GLN A 380 6.74 6.22 -36.73
C GLN A 380 8.10 5.53 -36.82
N ALA A 381 8.31 4.46 -36.05
CA ALA A 381 9.55 3.71 -36.19
C ALA A 381 9.58 2.94 -37.50
N ALA A 382 8.42 2.54 -38.02
CA ALA A 382 8.36 1.86 -39.31
C ALA A 382 8.63 2.82 -40.46
N GLU A 383 8.30 4.11 -40.30
CA GLU A 383 8.64 5.09 -41.31
C GLU A 383 10.14 5.26 -41.45
N LYS A 384 10.85 5.30 -40.32
CA LYS A 384 12.32 5.38 -40.35
C LYS A 384 12.96 4.16 -40.97
N LEU A 385 12.23 3.06 -41.14
CA LEU A 385 12.72 1.87 -41.82
C LEU A 385 12.11 1.70 -43.20
N GLY A 386 11.15 2.55 -43.57
CA GLY A 386 10.43 2.37 -44.82
C GLY A 386 9.60 1.11 -44.87
N GLU A 387 9.13 0.62 -43.72
CA GLU A 387 8.40 -0.62 -43.63
C GLU A 387 7.01 -0.40 -43.03
N THR A 388 6.38 0.71 -43.38
CA THR A 388 5.01 0.94 -42.91
C THR A 388 4.02 0.04 -43.62
N GLU A 389 4.33 -0.35 -44.86
CA GLU A 389 3.45 -1.26 -45.58
C GLU A 389 3.33 -2.59 -44.85
N LYS A 390 4.47 -3.23 -44.54
CA LYS A 390 4.40 -4.54 -43.89
C LYS A 390 3.65 -4.47 -42.56
N LEU A 391 3.79 -3.36 -41.83
CA LEU A 391 3.03 -3.20 -40.59
C LEU A 391 1.55 -3.05 -40.87
N SER A 392 1.21 -2.30 -41.92
CA SER A 392 -0.20 -2.18 -42.31
C SER A 392 -0.79 -3.54 -42.66
N ILE A 393 -0.02 -4.38 -43.34
CA ILE A 393 -0.50 -5.74 -43.65
C ILE A 393 -0.71 -6.52 -42.37
N MET A 394 0.25 -6.44 -41.44
CA MET A 394 0.12 -7.11 -40.15
C MET A 394 -1.17 -6.71 -39.45
N ILE A 395 -1.43 -5.41 -39.38
CA ILE A 395 -2.60 -4.93 -38.66
C ILE A 395 -3.88 -5.36 -39.36
N GLU A 396 -3.86 -5.41 -40.70
CA GLU A 396 -5.03 -5.88 -41.44
C GLU A 396 -5.23 -7.38 -41.26
N GLU A 397 -4.13 -8.15 -41.27
CA GLU A 397 -4.23 -9.60 -41.28
C GLU A 397 -4.83 -10.14 -39.98
N CYS A 398 -4.66 -9.43 -38.87
CA CYS A 398 -5.19 -9.87 -37.59
C CYS A 398 -6.51 -9.19 -37.24
N GLY A 399 -7.11 -8.48 -38.19
CA GLY A 399 -8.39 -7.82 -37.97
C GLY A 399 -8.31 -6.45 -37.34
N GLY A 400 -7.12 -5.84 -37.27
CA GLY A 400 -6.99 -4.55 -36.62
C GLY A 400 -7.53 -3.41 -37.46
N LEU A 401 -7.35 -3.48 -38.78
CA LEU A 401 -7.83 -2.41 -39.64
C LEU A 401 -9.35 -2.27 -39.57
N ASP A 402 -10.06 -3.40 -39.51
CA ASP A 402 -11.50 -3.35 -39.29
C ASP A 402 -11.82 -2.66 -37.96
N LYS A 403 -11.02 -2.92 -36.93
CA LYS A 403 -11.24 -2.28 -35.65
C LYS A 403 -10.98 -0.78 -35.74
N ILE A 404 -9.87 -0.38 -36.37
CA ILE A 404 -9.46 1.02 -36.34
C ILE A 404 -10.48 1.89 -37.07
N GLU A 405 -11.07 1.38 -38.16
CA GLU A 405 -12.06 2.17 -38.92
C GLU A 405 -13.46 2.03 -38.36
N ALA A 406 -13.72 1.00 -37.57
CA ALA A 406 -14.93 1.09 -36.76
C ALA A 406 -14.81 2.23 -35.75
N LEU A 407 -13.58 2.51 -35.31
CA LEU A 407 -13.33 3.54 -34.32
C LEU A 407 -13.40 4.97 -34.87
N GLN A 408 -13.53 5.17 -36.19
CA GLN A 408 -13.72 6.53 -36.69
C GLN A 408 -15.14 7.01 -36.47
N ARG A 409 -16.07 6.07 -36.30
CA ARG A 409 -17.44 6.36 -35.89
C ARG A 409 -17.58 6.42 -34.35
N HIS A 410 -16.47 6.29 -33.62
CA HIS A 410 -16.52 6.32 -32.16
C HIS A 410 -17.13 7.63 -31.64
N GLU A 411 -17.45 7.66 -30.34
CA GLU A 411 -18.13 8.80 -29.76
C GLU A 411 -17.14 9.83 -29.21
N ASN A 412 -16.03 9.38 -28.61
CA ASN A 412 -15.12 10.29 -27.92
C ASN A 412 -14.05 10.84 -28.85
N GLU A 413 -13.79 12.14 -28.71
CA GLU A 413 -13.21 12.93 -29.81
C GLU A 413 -11.90 12.35 -30.31
N SER A 414 -10.84 12.36 -29.48
CA SER A 414 -9.51 12.03 -29.99
C SER A 414 -9.39 10.56 -30.37
N VAL A 415 -10.37 9.72 -29.98
CA VAL A 415 -10.43 8.37 -30.54
C VAL A 415 -10.64 8.42 -32.05
N TYR A 416 -11.68 9.16 -32.50
CA TYR A 416 -11.92 9.15 -33.94
C TYR A 416 -10.92 9.99 -34.72
N LYS A 417 -10.42 11.07 -34.14
CA LYS A 417 -9.41 11.84 -34.85
C LYS A 417 -8.17 11.00 -35.10
N ALA A 418 -7.69 10.32 -34.06
CA ALA A 418 -6.49 9.51 -34.18
C ALA A 418 -6.71 8.32 -35.12
N SER A 419 -7.91 7.74 -35.08
CA SER A 419 -8.19 6.59 -35.94
C SER A 419 -8.29 6.99 -37.41
N LEU A 420 -8.83 8.18 -37.72
CA LEU A 420 -8.79 8.66 -39.10
C LEU A 420 -7.36 8.93 -39.55
N ASN A 421 -6.58 9.60 -38.69
CA ASN A 421 -5.19 9.91 -39.05
C ASN A 421 -4.42 8.65 -39.41
N LEU A 422 -4.67 7.54 -38.71
CA LEU A 422 -3.99 6.29 -39.03
C LEU A 422 -4.39 5.79 -40.40
N ILE A 423 -5.69 5.75 -40.67
CA ILE A 423 -6.19 5.23 -41.95
C ILE A 423 -5.81 6.15 -43.09
N GLU A 424 -5.97 7.46 -42.91
CA GLU A 424 -5.61 8.40 -43.95
C GLU A 424 -4.15 8.26 -44.35
N LYS A 425 -3.28 7.93 -43.39
CA LYS A 425 -1.84 7.99 -43.60
C LYS A 425 -1.19 6.66 -43.94
N TYR A 426 -1.71 5.55 -43.43
CA TYR A 426 -1.09 4.25 -43.60
C TYR A 426 -1.97 3.21 -44.25
N PHE A 427 -3.28 3.42 -44.31
CA PHE A 427 -4.21 2.47 -44.94
C PHE A 427 -4.93 3.08 -46.14
N SER A 428 -4.35 4.12 -46.74
CA SER A 428 -4.98 4.81 -47.87
C SER A 428 -4.02 4.96 -49.03
N GLU B 1 4.80 9.31 -19.81
CA GLU B 1 5.46 9.69 -18.56
C GLU B 1 5.03 8.76 -17.42
N LYS B 2 5.67 8.91 -16.28
CA LYS B 2 5.30 8.12 -15.11
C LYS B 2 3.88 8.44 -14.67
N ARG B 3 3.18 7.41 -14.18
CA ARG B 3 1.83 7.56 -13.66
C ARG B 3 1.81 7.13 -12.20
N PRO B 4 1.69 8.07 -11.24
CA PRO B 4 1.57 7.67 -9.84
C PRO B 4 0.29 6.89 -9.60
N ARG B 5 0.23 6.21 -8.46
CA ARG B 5 -0.88 5.30 -8.18
C ARG B 5 -2.15 6.04 -7.74
N GLU C 1 -6.00 1.05 8.90
CA GLU C 1 -6.41 -0.22 9.50
C GLU C 1 -6.46 -0.11 11.01
N LYS C 2 -7.56 -0.56 11.58
CA LYS C 2 -7.72 -0.66 13.02
C LYS C 2 -7.94 -2.12 13.40
N ARG C 3 -7.52 -2.47 14.61
CA ARG C 3 -7.58 -3.86 15.07
C ARG C 3 -8.16 -3.88 16.47
N PRO C 4 -9.29 -4.55 16.69
CA PRO C 4 -9.73 -4.84 18.06
C PRO C 4 -8.99 -6.06 18.59
N ARG C 5 -8.87 -6.11 19.91
CA ARG C 5 -8.32 -7.29 20.58
C ARG C 5 -9.50 -8.14 21.10
N SER C 6 -9.65 -9.33 20.54
CA SER C 6 -10.77 -10.21 20.91
C SER C 6 -10.41 -11.16 22.04
#